data_4CKJ
#
_entry.id   4CKJ
#
_cell.length_a   73.190
_cell.length_b   69.090
_cell.length_c   78.640
_cell.angle_alpha   90.00
_cell.angle_beta   101.76
_cell.angle_gamma   90.00
#
_symmetry.space_group_name_H-M   'C 1 2 1'
#
loop_
_entity.id
_entity.type
_entity.pdbx_description
1 polymer 'PROTO-ONCOGENE TYROSINE-PROTEIN KINASE RECEPTOR RET'
2 non-polymer ADENOSINE
3 non-polymer 'FORMIC ACID'
4 water water
#
_entity_poly.entity_id   1
_entity_poly.type   'polypeptide(L)'
_entity_poly.pdbx_seq_one_letter_code
;GPLSLSVDAFKILEDPKWEFPRKNLVLGKTLGEGEFGKVVKATAFHLKGRAGYTTVAVKMLKENASPSELRDLLSEFNVL
KQVNHPHVIKLYGACSQDGPLLLIVEYAKYGSLRGFLRESRKVGPGYLGSGGSRNSSSLDHPDERALTMGDLISFAWQIS
QGMQYLAEMKLVHRDLAARNILVAEGRKMKISDFGLSRDVYEEDS(PTR)VKRSQGRIPVKWMAIESLFDHIYTTQSDVW
SFGVLLWEIVTLGGNPYPGIPPERLFNLLKTGHRMERPDNCSEEMYRLMLQCWKQEPDKRPVFADISKDLEKMMVKRR
;
_entity_poly.pdbx_strand_id   A
#
loop_
_chem_comp.id
_chem_comp.type
_chem_comp.name
_chem_comp.formula
ADN non-polymer ADENOSINE 'C10 H13 N5 O4'
FMT non-polymer 'FORMIC ACID' 'C H2 O2'
#
# COMPACT_ATOMS: atom_id res chain seq x y z
N GLY A 1 -2.53 28.02 -3.26
CA GLY A 1 -2.26 27.29 -2.03
C GLY A 1 -1.24 26.23 -2.32
N PRO A 2 -1.07 25.31 -1.40
CA PRO A 2 -0.01 24.32 -1.57
C PRO A 2 -0.26 23.48 -2.82
N LEU A 3 -1.54 23.18 -3.15
CA LEU A 3 -1.76 22.22 -4.25
C LEU A 3 -1.50 22.92 -5.57
N SER A 4 -1.93 24.18 -5.73
CA SER A 4 -1.68 24.85 -6.98
C SER A 4 -0.17 25.01 -7.21
N LEU A 5 0.57 25.22 -6.11
CA LEU A 5 2.06 25.27 -6.26
C LEU A 5 2.59 23.95 -6.73
N SER A 6 2.07 22.87 -6.13
CA SER A 6 2.54 21.52 -6.59
C SER A 6 2.18 21.21 -8.04
N VAL A 7 0.94 21.56 -8.41
CA VAL A 7 0.45 21.20 -9.75
C VAL A 7 1.27 21.93 -10.79
N ASP A 8 1.49 23.20 -10.48
CA ASP A 8 2.20 24.00 -11.45
C ASP A 8 3.64 23.48 -11.68
N ALA A 9 4.32 23.18 -10.56
CA ALA A 9 5.68 22.63 -10.61
C ALA A 9 5.72 21.33 -11.37
N PHE A 10 4.81 20.42 -11.06
CA PHE A 10 4.74 19.15 -11.78
C PHE A 10 4.61 19.31 -13.29
N LYS A 11 3.73 20.22 -13.69
CA LYS A 11 3.51 20.50 -15.11
C LYS A 11 4.69 21.24 -15.73
N ILE A 12 5.25 22.19 -14.96
CA ILE A 12 6.37 23.00 -15.43
C ILE A 12 7.63 22.14 -15.49
N LEU A 13 8.01 21.54 -14.36
CA LEU A 13 9.23 20.73 -14.31
C LEU A 13 8.98 19.44 -15.08
N GLU A 14 9.79 19.19 -16.11
CA GLU A 14 9.57 18.03 -16.94
C GLU A 14 10.77 17.13 -16.88
N ASP A 15 10.86 16.36 -15.81
CA ASP A 15 11.99 15.45 -15.62
C ASP A 15 11.96 14.44 -16.75
N PRO A 16 12.91 14.57 -17.67
CA PRO A 16 12.97 13.73 -18.87
C PRO A 16 13.07 12.28 -18.48
N LYS A 17 13.66 12.01 -17.31
CA LYS A 17 13.76 10.65 -16.86
C LYS A 17 12.35 10.08 -16.79
N TRP A 18 11.37 10.93 -16.44
CA TRP A 18 10.01 10.37 -16.17
C TRP A 18 8.98 10.70 -17.22
N GLU A 19 9.13 11.78 -17.96
CA GLU A 19 8.02 12.18 -18.83
C GLU A 19 7.89 11.18 -20.01
N PHE A 20 6.68 10.77 -20.36
CA PHE A 20 6.46 9.77 -21.42
C PHE A 20 5.48 10.33 -22.45
N PRO A 21 5.73 10.13 -23.75
CA PRO A 21 4.83 10.69 -24.77
C PRO A 21 3.45 10.09 -24.73
N ARG A 22 2.45 10.93 -24.50
CA ARG A 22 1.10 10.47 -24.56
C ARG A 22 0.75 9.66 -25.82
N LYS A 23 1.35 10.03 -26.94
CA LYS A 23 1.02 9.36 -28.22
C LYS A 23 1.51 7.89 -28.22
N ASN A 24 2.34 7.52 -27.23
CA ASN A 24 2.92 6.18 -27.15
C ASN A 24 2.17 5.35 -26.09
N LEU A 25 1.08 5.89 -25.53
CA LEU A 25 0.36 5.16 -24.51
C LEU A 25 -1.06 4.91 -24.95
N VAL A 26 -1.51 3.67 -24.83
CA VAL A 26 -2.87 3.27 -25.15
C VAL A 26 -3.57 2.71 -23.94
N LEU A 27 -4.73 3.27 -23.62
CA LEU A 27 -5.44 2.89 -22.42
C LEU A 27 -6.50 1.87 -22.71
N GLY A 28 -6.67 0.90 -21.80
CA GLY A 28 -7.67 -0.14 -21.96
C GLY A 28 -8.67 -0.10 -20.78
N LYS A 29 -9.04 -1.31 -20.32
CA LYS A 29 -10.09 -1.39 -19.33
C LYS A 29 -9.70 -0.93 -17.95
N THR A 30 -10.72 -0.59 -17.19
CA THR A 30 -10.48 -0.13 -15.80
C THR A 30 -10.20 -1.32 -14.93
N LEU A 31 -9.14 -1.25 -14.12
CA LEU A 31 -8.75 -2.36 -13.25
C LEU A 31 -9.33 -2.13 -11.88
N GLY A 32 -9.58 -0.89 -11.55
CA GLY A 32 -10.14 -0.61 -10.21
C GLY A 32 -10.37 0.86 -10.01
N GLU A 33 -11.35 1.23 -9.22
N GLU A 33 -10.98 1.20 -8.86
CA GLU A 33 -11.65 2.65 -9.15
CA GLU A 33 -10.80 2.51 -8.24
C GLU A 33 -12.20 2.97 -7.79
C GLU A 33 -9.91 2.33 -7.00
N GLY A 34 -11.90 4.21 -7.38
N GLY A 34 -8.78 3.03 -6.97
CA GLY A 34 -12.31 4.74 -6.10
CA GLY A 34 -7.92 3.03 -5.77
C GLY A 34 -13.31 5.82 -6.46
C GLY A 34 -8.26 4.18 -4.82
N GLU A 35 -13.56 6.67 -5.49
N GLU A 35 -7.27 4.65 -4.07
CA GLU A 35 -14.57 7.70 -5.64
CA GLU A 35 -7.52 5.62 -3.01
C GLU A 35 -14.12 8.73 -6.66
C GLU A 35 -7.80 7.01 -3.54
N PHE A 36 -12.83 8.99 -6.60
N PHE A 36 -7.41 7.29 -4.78
CA PHE A 36 -12.26 10.21 -7.28
CA PHE A 36 -7.55 8.71 -5.22
C PHE A 36 -11.10 9.89 -8.25
C PHE A 36 -8.11 8.90 -6.63
N GLY A 37 -10.71 8.63 -8.35
N GLY A 37 -8.19 7.79 -7.36
CA GLY A 37 -9.54 8.22 -9.13
CA GLY A 37 -8.69 7.86 -8.73
C GLY A 37 -9.68 6.80 -9.65
C GLY A 37 -8.92 6.48 -9.27
N LYS A 38 -8.80 6.34 -10.57
CA LYS A 38 -9.04 5.00 -11.15
C LYS A 38 -7.70 4.50 -11.71
N VAL A 39 -7.61 3.18 -11.82
CA VAL A 39 -6.40 2.53 -12.38
C VAL A 39 -6.89 1.78 -13.63
N VAL A 40 -6.24 1.99 -14.76
N VAL A 40 -6.15 1.95 -14.71
CA VAL A 40 -6.64 1.22 -15.89
CA VAL A 40 -6.56 1.48 -16.03
C VAL A 40 -5.49 0.42 -16.42
C VAL A 40 -5.46 0.58 -16.64
N LYS A 41 -5.82 -0.58 -17.23
CA LYS A 41 -4.74 -1.40 -17.84
C LYS A 41 -4.31 -0.64 -19.08
N ALA A 42 -3.04 -0.75 -19.50
CA ALA A 42 -2.65 0.06 -20.67
C ALA A 42 -1.47 -0.57 -21.31
N THR A 43 -1.04 0.01 -22.41
CA THR A 43 0.20 -0.52 -23.03
C THR A 43 1.00 0.68 -23.47
N ALA A 44 2.32 0.56 -23.38
CA ALA A 44 3.19 1.71 -23.61
C ALA A 44 4.27 1.31 -24.62
N PHE A 45 4.38 2.12 -25.66
CA PHE A 45 5.33 1.82 -26.78
C PHE A 45 6.70 2.45 -26.46
N HIS A 46 7.73 1.61 -26.48
CA HIS A 46 9.16 2.03 -26.29
C HIS A 46 9.30 2.72 -24.95
N LEU A 47 8.85 2.02 -23.93
CA LEU A 47 8.93 2.51 -22.53
C LEU A 47 10.31 2.18 -21.96
N LYS A 48 11.02 3.21 -21.47
CA LYS A 48 12.25 3.01 -20.73
C LYS A 48 13.22 2.12 -21.49
N GLY A 49 13.42 2.41 -22.75
CA GLY A 49 14.36 1.62 -23.52
C GLY A 49 13.87 0.28 -24.02
N ARG A 50 12.68 -0.15 -23.60
CA ARG A 50 12.24 -1.48 -23.96
C ARG A 50 11.57 -1.45 -25.33
N ALA A 51 12.06 -2.30 -26.23
CA ALA A 51 11.54 -2.40 -27.61
C ALA A 51 10.10 -2.86 -27.60
N GLY A 52 9.29 -2.20 -28.43
CA GLY A 52 7.92 -2.71 -28.65
C GLY A 52 6.95 -2.22 -27.55
N TYR A 53 5.83 -2.94 -27.39
CA TYR A 53 4.82 -2.54 -26.34
C TYR A 53 5.10 -3.23 -25.04
N THR A 54 4.91 -2.51 -23.92
CA THR A 54 4.96 -3.07 -22.58
C THR A 54 3.61 -2.87 -21.92
N THR A 55 3.04 -3.93 -21.32
CA THR A 55 1.78 -3.81 -20.58
C THR A 55 2.07 -3.14 -19.24
N VAL A 56 1.24 -2.13 -18.91
CA VAL A 56 1.44 -1.32 -17.69
C VAL A 56 0.10 -1.03 -17.08
N ALA A 57 0.12 -0.44 -15.88
CA ALA A 57 -1.10 0.09 -15.32
C ALA A 57 -0.97 1.64 -15.29
N VAL A 58 -2.14 2.31 -15.40
CA VAL A 58 -2.07 3.78 -15.40
C VAL A 58 -2.98 4.31 -14.32
N LYS A 59 -2.47 5.19 -13.47
CA LYS A 59 -3.29 5.82 -12.41
C LYS A 59 -3.68 7.20 -12.91
N MET A 60 -4.98 7.54 -12.81
CA MET A 60 -5.45 8.81 -13.24
C MET A 60 -6.59 9.27 -12.34
N LEU A 61 -6.93 10.53 -12.49
CA LEU A 61 -8.06 11.07 -11.72
C LEU A 61 -9.35 10.80 -12.47
N LYS A 62 -10.45 10.77 -11.72
CA LYS A 62 -11.78 10.92 -12.37
C LYS A 62 -12.22 12.35 -12.55
N GLU A 63 -13.27 12.56 -13.39
CA GLU A 63 -13.71 13.93 -13.65
C GLU A 63 -14.11 14.70 -12.42
N ASN A 64 -14.62 13.97 -11.41
CA ASN A 64 -15.07 14.59 -10.17
C ASN A 64 -14.03 14.64 -9.13
N ALA A 65 -12.76 14.52 -9.55
CA ALA A 65 -11.70 14.51 -8.54
C ALA A 65 -11.71 15.73 -7.61
N SER A 66 -11.42 15.51 -6.32
CA SER A 66 -11.26 16.56 -5.35
C SER A 66 -9.79 16.99 -5.29
N PRO A 67 -9.50 18.09 -4.58
CA PRO A 67 -8.07 18.49 -4.39
C PRO A 67 -7.36 17.43 -3.60
N SER A 68 -8.04 16.79 -2.62
CA SER A 68 -7.39 15.71 -1.87
CA SER A 68 -7.37 15.74 -1.89
C SER A 68 -6.87 14.62 -2.80
N GLU A 69 -7.67 14.25 -3.79
CA GLU A 69 -7.29 13.14 -4.68
CA GLU A 69 -7.32 13.14 -4.67
C GLU A 69 -6.14 13.56 -5.56
N LEU A 70 -6.21 14.79 -6.09
CA LEU A 70 -5.08 15.28 -6.86
C LEU A 70 -3.80 15.35 -6.06
N ARG A 71 -3.89 15.83 -4.81
CA ARG A 71 -2.72 15.87 -3.97
C ARG A 71 -2.17 14.45 -3.83
N ASP A 72 -3.06 13.50 -3.62
CA ASP A 72 -2.58 12.14 -3.39
C ASP A 72 -1.90 11.57 -4.63
N LEU A 73 -2.43 11.86 -5.82
CA LEU A 73 -1.76 11.43 -7.04
CA LEU A 73 -1.73 11.39 -7.02
C LEU A 73 -0.33 12.02 -7.13
N LEU A 74 -0.18 13.32 -6.89
CA LEU A 74 1.14 13.90 -6.92
C LEU A 74 2.04 13.33 -5.81
N SER A 75 1.47 13.08 -4.62
CA SER A 75 2.25 12.49 -3.52
CA SER A 75 2.36 12.58 -3.61
C SER A 75 2.81 11.13 -3.95
N GLU A 76 1.94 10.33 -4.59
CA GLU A 76 2.32 9.01 -4.96
C GLU A 76 3.51 9.14 -5.97
N PHE A 77 3.40 10.05 -6.96
CA PHE A 77 4.52 10.22 -7.91
C PHE A 77 5.80 10.56 -7.19
N ASN A 78 5.71 11.51 -6.26
CA ASN A 78 6.90 12.02 -5.53
CA ASN A 78 6.94 12.00 -5.65
C ASN A 78 7.57 10.94 -4.74
N VAL A 79 6.76 10.05 -4.15
CA VAL A 79 7.39 8.97 -3.40
C VAL A 79 7.93 7.88 -4.34
N LEU A 80 7.12 7.46 -5.33
CA LEU A 80 7.53 6.30 -6.18
C LEU A 80 8.76 6.62 -6.99
N LYS A 81 8.97 7.88 -7.34
CA LYS A 81 10.18 8.20 -8.10
C LYS A 81 11.43 8.00 -7.24
N GLN A 82 11.29 7.90 -5.93
CA GLN A 82 12.47 7.82 -5.08
C GLN A 82 12.80 6.41 -4.58
N VAL A 83 11.92 5.46 -4.81
CA VAL A 83 12.10 4.16 -4.19
C VAL A 83 12.27 3.08 -5.24
N ASN A 84 12.97 2.02 -4.85
CA ASN A 84 13.26 0.94 -5.77
C ASN A 84 13.54 -0.30 -4.95
N HIS A 85 12.64 -1.27 -5.00
CA HIS A 85 12.73 -2.49 -4.19
C HIS A 85 11.90 -3.58 -4.84
N PRO A 86 12.36 -4.85 -4.79
CA PRO A 86 11.59 -5.87 -5.51
C PRO A 86 10.17 -6.09 -4.99
N HIS A 87 9.86 -5.58 -3.79
CA HIS A 87 8.47 -5.73 -3.25
C HIS A 87 7.79 -4.37 -3.08
N VAL A 88 8.22 -3.40 -3.89
CA VAL A 88 7.49 -2.11 -3.99
C VAL A 88 7.15 -1.95 -5.47
N ILE A 89 5.92 -1.60 -5.76
CA ILE A 89 5.52 -1.45 -7.18
CA ILE A 89 5.46 -1.34 -7.12
C ILE A 89 6.40 -0.35 -7.85
N LYS A 90 6.71 -0.55 -9.13
CA LYS A 90 7.63 0.36 -9.83
C LYS A 90 6.93 1.41 -10.60
N LEU A 91 7.39 2.65 -10.51
CA LEU A 91 6.98 3.75 -11.41
C LEU A 91 7.80 3.73 -12.69
N TYR A 92 7.10 3.77 -13.84
CA TYR A 92 7.82 3.83 -15.11
C TYR A 92 7.82 5.20 -15.71
N GLY A 93 6.84 6.03 -15.38
CA GLY A 93 6.78 7.26 -16.18
C GLY A 93 5.57 8.06 -15.76
N ALA A 94 5.42 9.24 -16.35
CA ALA A 94 4.20 9.99 -16.14
C ALA A 94 3.94 10.75 -17.38
N CYS A 95 2.70 11.16 -17.57
CA CYS A 95 2.33 12.06 -18.63
C CYS A 95 1.80 13.33 -17.94
N SER A 96 2.44 14.47 -18.12
CA SER A 96 2.06 15.67 -17.40
C SER A 96 1.75 16.82 -18.33
N GLN A 97 1.79 16.59 -19.64
CA GLN A 97 1.61 17.69 -20.61
C GLN A 97 0.47 17.39 -21.55
N ASP A 98 -0.31 18.40 -21.93
CA ASP A 98 -1.29 18.28 -23.02
C ASP A 98 -2.35 17.19 -22.81
N GLY A 99 -2.93 17.13 -21.61
CA GLY A 99 -3.96 16.13 -21.34
C GLY A 99 -3.94 15.86 -19.85
N PRO A 100 -4.74 14.91 -19.38
CA PRO A 100 -4.81 14.60 -17.93
C PRO A 100 -3.51 14.02 -17.35
N LEU A 101 -3.20 14.29 -16.09
CA LEU A 101 -2.01 13.74 -15.44
C LEU A 101 -2.20 12.23 -15.31
N LEU A 102 -1.18 11.44 -15.68
CA LEU A 102 -1.28 9.98 -15.74
C LEU A 102 -0.02 9.51 -15.05
N LEU A 103 -0.10 8.57 -14.14
CA LEU A 103 1.12 7.86 -13.71
C LEU A 103 1.17 6.50 -14.34
N ILE A 104 2.36 6.13 -14.87
CA ILE A 104 2.51 4.83 -15.50
C ILE A 104 3.30 3.93 -14.58
N VAL A 105 2.68 2.83 -14.17
CA VAL A 105 3.30 1.97 -13.12
CA VAL A 105 3.21 1.99 -13.11
C VAL A 105 3.29 0.53 -13.57
N GLU A 106 4.07 -0.29 -12.86
CA GLU A 106 4.15 -1.69 -13.14
C GLU A 106 2.81 -2.37 -13.06
N TYR A 107 2.49 -3.20 -14.05
CA TYR A 107 1.24 -3.95 -14.03
C TYR A 107 1.41 -5.27 -13.23
N ALA A 108 0.51 -5.51 -12.30
CA ALA A 108 0.59 -6.75 -11.49
C ALA A 108 -0.48 -7.69 -11.94
N LYS A 109 -0.07 -8.80 -12.60
CA LYS A 109 -1.01 -9.60 -13.34
C LYS A 109 -2.14 -10.18 -12.49
N TYR A 110 -1.90 -10.35 -11.19
CA TYR A 110 -2.92 -11.00 -10.36
C TYR A 110 -3.78 -10.00 -9.56
N GLY A 111 -3.54 -8.70 -9.74
CA GLY A 111 -4.33 -7.73 -8.98
C GLY A 111 -4.01 -7.65 -7.50
N SER A 112 -4.97 -7.16 -6.71
CA SER A 112 -4.73 -6.98 -5.24
C SER A 112 -4.62 -8.32 -4.55
N LEU A 113 -3.83 -8.28 -3.49
CA LEU A 113 -3.69 -9.44 -2.59
C LEU A 113 -5.02 -9.83 -2.02
N ARG A 114 -5.86 -8.86 -1.64
CA ARG A 114 -7.17 -9.16 -1.10
CA ARG A 114 -7.11 -9.30 -1.03
C ARG A 114 -7.95 -10.04 -2.07
N GLY A 115 -7.99 -9.57 -3.31
CA GLY A 115 -8.76 -10.26 -4.34
C GLY A 115 -8.18 -11.65 -4.60
N PHE A 116 -6.86 -11.70 -4.69
CA PHE A 116 -6.15 -12.95 -4.95
C PHE A 116 -6.46 -14.01 -3.89
N LEU A 117 -6.39 -13.61 -2.62
CA LEU A 117 -6.71 -14.54 -1.53
C LEU A 117 -8.16 -14.97 -1.50
N ARG A 118 -9.07 -14.04 -1.80
CA ARG A 118 -10.50 -14.41 -1.71
C ARG A 118 -10.89 -15.37 -2.83
N GLU A 119 -10.16 -15.34 -3.93
CA GLU A 119 -10.35 -16.33 -4.99
C GLU A 119 -9.67 -17.68 -4.72
N SER A 120 -8.89 -17.77 -3.64
CA SER A 120 -8.17 -19.00 -3.31
C SER A 120 -8.83 -19.85 -2.25
N ARG A 121 -8.28 -21.05 -2.09
CA ARG A 121 -8.63 -22.00 -1.03
C ARG A 121 -7.38 -22.37 -0.24
N LYS A 122 -7.54 -22.56 1.07
CA LYS A 122 -6.42 -22.99 1.90
C LYS A 122 -6.27 -24.54 1.86
N VAL A 123 -5.05 -25.03 1.64
CA VAL A 123 -4.79 -26.48 1.44
C VAL A 123 -3.61 -26.99 2.29
N ARG A 145 -7.84 -21.80 -6.41
CA ARG A 145 -6.38 -21.83 -6.14
C ARG A 145 -6.02 -22.39 -4.77
N ALA A 146 -5.11 -23.37 -4.74
CA ALA A 146 -4.65 -23.93 -3.49
C ALA A 146 -3.42 -23.16 -3.03
N LEU A 147 -3.50 -22.67 -1.79
CA LEU A 147 -2.41 -21.98 -1.14
C LEU A 147 -2.11 -22.67 0.17
N THR A 148 -0.84 -22.89 0.44
CA THR A 148 -0.48 -23.51 1.70
C THR A 148 -0.17 -22.46 2.74
N MET A 149 -0.03 -22.87 4.00
CA MET A 149 0.37 -21.91 5.02
C MET A 149 1.78 -21.37 4.71
N GLY A 150 2.65 -22.20 4.11
CA GLY A 150 3.94 -21.75 3.60
C GLY A 150 3.84 -20.61 2.57
N ASP A 151 2.89 -20.71 1.66
CA ASP A 151 2.66 -19.65 0.70
C ASP A 151 2.28 -18.37 1.44
N LEU A 152 1.35 -18.49 2.37
CA LEU A 152 0.88 -17.31 3.12
C LEU A 152 1.98 -16.63 3.92
N ILE A 153 2.79 -17.44 4.59
CA ILE A 153 3.89 -16.89 5.31
C ILE A 153 4.88 -16.21 4.35
N SER A 154 5.12 -16.84 3.20
CA SER A 154 5.96 -16.23 2.15
C SER A 154 5.42 -14.84 1.75
N PHE A 155 4.13 -14.77 1.49
CA PHE A 155 3.53 -13.45 1.14
C PHE A 155 3.79 -12.38 2.20
N ALA A 156 3.54 -12.75 3.45
CA ALA A 156 3.75 -11.83 4.57
C ALA A 156 5.21 -11.41 4.67
N TRP A 157 6.13 -12.36 4.40
CA TRP A 157 7.54 -12.02 4.56
C TRP A 157 8.00 -11.05 3.48
N GLN A 158 7.49 -11.29 2.29
CA GLN A 158 7.84 -10.43 1.17
C GLN A 158 7.43 -8.99 1.48
N ILE A 159 6.25 -8.88 2.02
CA ILE A 159 5.71 -7.55 2.38
C ILE A 159 6.51 -6.90 3.51
N SER A 160 6.91 -7.70 4.49
CA SER A 160 7.72 -7.15 5.59
CA SER A 160 7.73 -7.19 5.57
C SER A 160 9.08 -6.71 5.07
N GLN A 161 9.63 -7.41 4.07
CA GLN A 161 10.90 -6.96 3.49
C GLN A 161 10.77 -5.60 2.83
N GLY A 162 9.69 -5.45 2.06
CA GLY A 162 9.46 -4.17 1.36
C GLY A 162 9.26 -3.06 2.42
N MET A 163 8.59 -3.38 3.52
CA MET A 163 8.37 -2.34 4.57
C MET A 163 9.64 -2.03 5.38
N GLN A 164 10.52 -3.05 5.58
CA GLN A 164 11.83 -2.75 6.21
C GLN A 164 12.54 -1.68 5.38
N TYR A 165 12.49 -1.87 4.07
CA TYR A 165 13.13 -0.94 3.16
C TYR A 165 12.55 0.46 3.27
N LEU A 166 11.21 0.55 3.22
CA LEU A 166 10.60 1.87 3.34
C LEU A 166 10.90 2.53 4.67
N ALA A 167 10.86 1.72 5.71
CA ALA A 167 11.07 2.25 7.05
C ALA A 167 12.51 2.79 7.17
N GLU A 168 13.46 2.07 6.58
CA GLU A 168 14.88 2.50 6.56
C GLU A 168 15.04 3.80 5.78
N MET A 169 14.18 3.98 4.79
CA MET A 169 14.12 5.19 3.97
CA MET A 169 14.17 5.21 4.02
C MET A 169 13.36 6.30 4.71
N LYS A 170 12.93 6.03 5.94
CA LYS A 170 12.08 6.99 6.70
C LYS A 170 10.84 7.41 5.95
N LEU A 171 10.18 6.39 5.39
CA LEU A 171 8.89 6.62 4.78
C LEU A 171 7.86 5.84 5.59
N VAL A 172 6.72 6.47 5.92
CA VAL A 172 5.62 5.75 6.54
CA VAL A 172 5.61 5.76 6.53
C VAL A 172 4.52 5.59 5.49
N HIS A 173 4.03 4.38 5.31
CA HIS A 173 3.07 4.11 4.23
C HIS A 173 1.69 4.67 4.57
N ARG A 174 1.28 4.37 5.79
CA ARG A 174 0.03 4.84 6.41
C ARG A 174 -1.21 4.10 5.94
N ASP A 175 -1.16 3.32 4.87
CA ASP A 175 -2.40 2.61 4.46
C ASP A 175 -2.06 1.16 4.08
N LEU A 176 -1.31 0.48 4.93
CA LEU A 176 -0.97 -0.87 4.61
CA LEU A 176 -0.95 -0.91 4.68
C LEU A 176 -2.19 -1.75 4.86
N ALA A 177 -2.55 -2.53 3.86
CA ALA A 177 -3.78 -3.36 3.92
C ALA A 177 -3.74 -4.31 2.72
N ALA A 178 -4.47 -5.40 2.74
CA ALA A 178 -4.36 -6.34 1.61
C ALA A 178 -4.86 -5.73 0.30
N ARG A 179 -5.74 -4.73 0.36
CA ARG A 179 -6.21 -4.12 -0.85
C ARG A 179 -5.14 -3.25 -1.50
N ASN A 180 -4.07 -2.96 -0.76
CA ASN A 180 -3.00 -2.11 -1.26
C ASN A 180 -1.70 -2.89 -1.45
N ILE A 181 -1.79 -4.23 -1.47
CA ILE A 181 -0.65 -5.07 -1.90
C ILE A 181 -1.06 -5.64 -3.26
N LEU A 182 -0.15 -5.61 -4.25
CA LEU A 182 -0.45 -6.21 -5.57
C LEU A 182 0.29 -7.49 -5.71
N VAL A 183 -0.23 -8.39 -6.55
CA VAL A 183 0.38 -9.72 -6.68
C VAL A 183 0.79 -9.82 -8.15
N ALA A 184 2.11 -9.78 -8.40
CA ALA A 184 2.70 -9.80 -9.74
C ALA A 184 3.01 -11.17 -10.19
N GLU A 185 3.42 -11.24 -11.45
CA GLU A 185 4.08 -12.42 -12.01
C GLU A 185 4.87 -13.22 -10.98
N GLY A 186 4.60 -14.52 -10.82
CA GLY A 186 5.35 -15.34 -9.90
C GLY A 186 4.85 -15.27 -8.48
N ARG A 187 3.67 -14.69 -8.33
CA ARG A 187 3.06 -14.42 -7.03
CA ARG A 187 3.07 -14.46 -7.02
C ARG A 187 4.02 -13.61 -6.16
N LYS A 188 4.55 -12.52 -6.74
CA LYS A 188 5.50 -11.71 -5.98
C LYS A 188 4.70 -10.55 -5.40
N MET A 189 4.89 -10.28 -4.11
CA MET A 189 4.16 -9.10 -3.54
C MET A 189 4.77 -7.78 -3.94
N LYS A 190 3.92 -6.79 -4.18
CA LYS A 190 4.34 -5.42 -4.48
C LYS A 190 3.48 -4.49 -3.63
N ILE A 191 4.13 -3.82 -2.69
CA ILE A 191 3.44 -2.78 -1.90
C ILE A 191 3.06 -1.67 -2.84
N SER A 192 1.83 -1.16 -2.70
CA SER A 192 1.41 -0.11 -3.63
CA SER A 192 1.28 -0.20 -3.65
C SER A 192 0.55 0.93 -2.91
N ASP A 193 0.01 1.85 -3.69
CA ASP A 193 -0.91 2.91 -3.18
C ASP A 193 -0.18 3.77 -2.18
N PHE A 194 0.69 4.63 -2.71
CA PHE A 194 1.50 5.52 -1.91
C PHE A 194 1.02 6.98 -1.74
N GLY A 195 -0.21 7.18 -2.13
CA GLY A 195 -0.80 8.52 -2.16
C GLY A 195 -0.80 9.14 -0.74
N LEU A 196 -0.90 8.28 0.27
CA LEU A 196 -1.02 8.77 1.67
C LEU A 196 0.34 8.66 2.42
N SER A 197 1.38 8.16 1.75
CA SER A 197 2.66 7.89 2.39
CA SER A 197 2.66 7.91 2.42
C SER A 197 3.41 9.21 2.68
N ARG A 198 4.13 9.26 3.78
CA ARG A 198 4.82 10.50 4.21
C ARG A 198 6.24 10.29 4.63
N ASP A 199 7.07 11.31 4.39
CA ASP A 199 8.48 11.24 4.83
C ASP A 199 8.63 11.67 6.28
N VAL A 200 9.29 10.87 7.11
CA VAL A 200 9.41 11.23 8.51
C VAL A 200 10.88 11.33 8.87
N TYR A 201 11.72 11.69 7.90
CA TYR A 201 13.17 11.73 8.13
C TYR A 201 13.51 12.68 9.24
N GLU A 202 12.83 13.81 9.24
CA GLU A 202 13.14 14.90 10.16
C GLU A 202 12.73 14.61 11.60
N GLU A 203 11.52 14.08 11.80
CA GLU A 203 10.94 14.04 13.14
C GLU A 203 10.54 12.64 13.61
N ASP A 204 10.65 11.68 12.72
CA ASP A 204 10.34 10.26 12.99
C ASP A 204 8.85 10.02 13.19
N SER A 205 8.06 11.08 13.08
CA SER A 205 6.60 10.88 12.99
C SER A 205 6.02 11.83 11.99
N PTR A 206 4.82 11.49 11.49
CA PTR A 206 3.97 12.36 10.71
C PTR A 206 2.70 12.56 11.50
O PTR A 206 2.10 11.57 11.96
CB PTR A 206 3.68 11.72 9.32
CG PTR A 206 2.58 12.45 8.57
CD1 PTR A 206 1.28 11.96 8.55
CD2 PTR A 206 2.83 13.70 7.97
CE1 PTR A 206 0.24 12.65 7.88
CE2 PTR A 206 1.80 14.40 7.33
CZ PTR A 206 0.52 13.87 7.31
OH PTR A 206 -0.49 14.51 6.72
P PTR A 206 -0.38 15.92 5.90
O1P PTR A 206 0.66 15.80 4.81
O2P PTR A 206 -1.85 16.06 5.35
O3P PTR A 206 -0.05 17.03 6.91
N VAL A 207 2.28 13.81 11.65
CA VAL A 207 0.99 14.08 12.32
C VAL A 207 0.07 14.82 11.42
N LYS A 208 -1.20 14.41 11.46
CA LYS A 208 -2.17 15.05 10.61
C LYS A 208 -3.16 15.74 11.50
N ARG A 209 -3.31 17.04 11.35
CA ARG A 209 -4.20 17.77 12.19
C ARG A 209 -5.69 17.37 11.87
N SER A 210 -6.03 17.24 10.58
CA SER A 210 -7.43 16.90 10.27
C SER A 210 -7.68 15.40 10.33
N GLN A 211 -8.91 14.94 10.01
CA GLN A 211 -9.13 13.52 10.07
C GLN A 211 -8.48 12.72 8.91
N GLY A 212 -8.00 11.54 9.22
CA GLY A 212 -7.41 10.68 8.17
C GLY A 212 -8.41 10.19 7.12
N ARG A 213 -7.89 9.80 5.95
CA ARG A 213 -8.75 9.22 4.96
C ARG A 213 -8.42 7.70 4.80
N ILE A 214 -7.93 7.12 5.88
CA ILE A 214 -7.53 5.69 5.96
C ILE A 214 -8.65 4.99 6.71
N PRO A 215 -9.07 3.83 6.24
CA PRO A 215 -10.11 3.06 6.99
C PRO A 215 -9.74 2.85 8.43
N VAL A 216 -10.69 3.13 9.30
CA VAL A 216 -10.51 3.07 10.76
C VAL A 216 -9.96 1.71 11.21
N LYS A 217 -10.43 0.66 10.55
CA LYS A 217 -10.09 -0.71 11.09
C LYS A 217 -8.67 -1.15 10.83
N TRP A 218 -7.91 -0.37 10.05
CA TRP A 218 -6.50 -0.65 9.85
C TRP A 218 -5.59 0.31 10.60
N MET A 219 -6.10 1.34 11.28
CA MET A 219 -5.30 2.36 11.97
CA MET A 219 -5.18 2.29 11.90
C MET A 219 -4.79 1.94 13.35
N ALA A 220 -3.54 2.24 13.65
CA ALA A 220 -3.01 2.01 14.96
C ALA A 220 -3.77 2.84 15.97
N ILE A 221 -3.79 2.42 17.19
CA ILE A 221 -4.57 3.18 18.19
C ILE A 221 -4.11 4.63 18.33
N GLU A 222 -2.79 4.92 18.25
CA GLU A 222 -2.34 6.31 18.43
C GLU A 222 -2.63 7.10 17.15
N SER A 223 -2.81 6.40 16.00
CA SER A 223 -3.18 7.13 14.77
C SER A 223 -4.64 7.50 14.88
N LEU A 224 -5.44 6.55 15.33
CA LEU A 224 -6.89 6.82 15.41
C LEU A 224 -7.26 7.90 16.43
N PHE A 225 -6.66 7.82 17.62
CA PHE A 225 -6.99 8.82 18.65
C PHE A 225 -6.18 10.10 18.52
N ASP A 226 -4.85 9.95 18.32
CA ASP A 226 -3.95 11.12 18.41
C ASP A 226 -3.39 11.65 17.12
N HIS A 227 -3.76 10.95 16.01
CA HIS A 227 -3.34 11.35 14.65
C HIS A 227 -1.83 11.31 14.44
N ILE A 228 -1.15 10.36 15.08
CA ILE A 228 0.27 10.23 15.03
C ILE A 228 0.54 9.05 14.14
N TYR A 229 1.46 9.23 13.15
CA TYR A 229 1.86 8.12 12.27
C TYR A 229 3.36 7.92 12.30
N THR A 230 3.81 6.68 12.52
CA THR A 230 5.26 6.41 12.52
C THR A 230 5.45 5.06 11.86
N THR A 231 6.70 4.60 11.78
CA THR A 231 6.83 3.24 11.24
C THR A 231 6.16 2.25 12.19
N GLN A 232 6.12 2.57 13.50
CA GLN A 232 5.38 1.65 14.39
C GLN A 232 3.87 1.60 14.19
N SER A 233 3.25 2.66 13.68
CA SER A 233 1.85 2.50 13.32
CA SER A 233 1.85 2.59 13.26
C SER A 233 1.68 1.69 12.03
N ASP A 234 2.67 1.69 11.15
CA ASP A 234 2.65 0.81 9.98
C ASP A 234 2.76 -0.63 10.47
N VAL A 235 3.50 -0.84 11.57
CA VAL A 235 3.58 -2.20 12.11
C VAL A 235 2.24 -2.65 12.60
N TRP A 236 1.50 -1.77 13.29
CA TRP A 236 0.14 -2.15 13.69
C TRP A 236 -0.68 -2.56 12.44
N SER A 237 -0.68 -1.73 11.40
CA SER A 237 -1.45 -2.09 10.20
C SER A 237 -1.00 -3.38 9.55
N PHE A 238 0.31 -3.62 9.65
CA PHE A 238 0.81 -4.93 9.14
C PHE A 238 0.20 -6.13 9.92
N GLY A 239 0.02 -5.97 11.20
CA GLY A 239 -0.68 -6.98 11.98
C GLY A 239 -2.07 -7.20 11.42
N VAL A 240 -2.78 -6.12 11.06
CA VAL A 240 -4.13 -6.35 10.52
C VAL A 240 -4.01 -7.04 9.16
N LEU A 241 -3.00 -6.63 8.38
CA LEU A 241 -2.75 -7.30 7.08
C LEU A 241 -2.42 -8.79 7.27
N LEU A 242 -1.72 -9.13 8.38
CA LEU A 242 -1.35 -10.52 8.65
C LEU A 242 -2.62 -11.30 8.91
N TRP A 243 -3.56 -10.67 9.62
CA TRP A 243 -4.86 -11.30 9.84
C TRP A 243 -5.67 -11.46 8.52
N GLU A 244 -5.58 -10.48 7.62
CA GLU A 244 -6.24 -10.65 6.35
C GLU A 244 -5.66 -11.78 5.54
N ILE A 245 -4.34 -11.91 5.61
CA ILE A 245 -3.66 -13.01 4.90
C ILE A 245 -4.07 -14.39 5.44
N VAL A 246 -4.08 -14.55 6.76
CA VAL A 246 -4.39 -15.86 7.34
C VAL A 246 -5.87 -16.27 7.13
N THR A 247 -6.74 -15.27 7.00
CA THR A 247 -8.18 -15.52 6.81
C THR A 247 -8.52 -15.56 5.32
N LEU A 248 -7.48 -15.54 4.48
CA LEU A 248 -7.63 -15.50 3.01
C LEU A 248 -8.54 -14.38 2.58
N GLY A 249 -8.23 -13.19 3.04
CA GLY A 249 -9.03 -12.04 2.60
C GLY A 249 -10.24 -11.74 3.47
N GLY A 250 -10.17 -12.08 4.76
CA GLY A 250 -11.31 -11.82 5.62
C GLY A 250 -11.48 -10.33 5.92
N ASN A 251 -12.59 -9.97 6.52
CA ASN A 251 -12.86 -8.54 6.81
C ASN A 251 -12.57 -8.30 8.30
N PRO A 252 -11.62 -7.42 8.61
CA PRO A 252 -11.23 -7.23 10.02
C PRO A 252 -12.33 -6.75 10.93
N TYR A 253 -12.23 -7.10 12.23
CA TYR A 253 -13.30 -6.83 13.22
C TYR A 253 -14.68 -7.13 12.68
N PRO A 254 -14.89 -8.38 12.26
CA PRO A 254 -16.06 -8.69 11.44
C PRO A 254 -17.31 -8.47 12.27
N GLY A 255 -18.27 -7.79 11.66
CA GLY A 255 -19.50 -7.44 12.34
C GLY A 255 -19.38 -6.32 13.36
N ILE A 256 -18.26 -5.61 13.37
CA ILE A 256 -18.10 -4.57 14.36
C ILE A 256 -18.15 -3.26 13.58
N PRO A 257 -19.07 -2.37 13.93
CA PRO A 257 -19.08 -1.06 13.25
C PRO A 257 -17.78 -0.32 13.49
N PRO A 258 -17.30 0.39 12.45
CA PRO A 258 -16.01 1.09 12.60
C PRO A 258 -16.03 2.07 13.76
N GLU A 259 -17.13 2.77 14.05
CA GLU A 259 -17.03 3.74 15.13
C GLU A 259 -16.84 3.11 16.50
N ARG A 260 -17.09 1.79 16.60
CA ARG A 260 -16.89 1.18 17.90
C ARG A 260 -15.42 0.88 18.17
N LEU A 261 -14.55 1.11 17.19
CA LEU A 261 -13.14 0.73 17.38
C LEU A 261 -12.46 1.64 18.41
N PHE A 262 -12.97 2.87 18.61
CA PHE A 262 -12.35 3.74 19.63
C PHE A 262 -12.44 3.06 21.00
N ASN A 263 -13.67 2.73 21.39
CA ASN A 263 -13.88 2.08 22.69
C ASN A 263 -13.27 0.70 22.73
N LEU A 264 -13.35 -0.03 21.62
CA LEU A 264 -12.85 -1.41 21.68
C LEU A 264 -11.35 -1.41 21.91
N LEU A 265 -10.62 -0.59 21.15
CA LEU A 265 -9.16 -0.61 21.28
C LEU A 265 -8.69 -0.01 22.59
N LYS A 266 -9.41 1.00 23.06
CA LYS A 266 -8.84 1.67 24.26
C LYS A 266 -9.05 0.83 25.48
N THR A 267 -10.02 -0.07 25.45
CA THR A 267 -10.29 -0.93 26.63
C THR A 267 -9.53 -2.23 26.49
N GLY A 268 -8.64 -2.27 25.50
CA GLY A 268 -7.62 -3.29 25.35
C GLY A 268 -8.03 -4.52 24.57
N HIS A 269 -9.20 -4.48 23.94
CA HIS A 269 -9.62 -5.58 23.05
C HIS A 269 -8.92 -5.61 21.69
N ARG A 270 -8.79 -6.80 21.13
CA ARG A 270 -8.15 -7.00 19.83
C ARG A 270 -8.91 -8.08 19.07
N MET A 271 -8.64 -8.26 17.78
CA MET A 271 -9.24 -9.41 17.08
C MET A 271 -8.87 -10.71 17.73
N GLU A 272 -9.78 -11.68 17.70
CA GLU A 272 -9.52 -13.03 18.20
C GLU A 272 -8.67 -13.86 17.23
N ARG A 273 -8.11 -14.96 17.71
CA ARG A 273 -7.34 -15.82 16.83
C ARG A 273 -8.24 -16.46 15.76
N PRO A 274 -7.89 -16.26 14.48
CA PRO A 274 -8.83 -16.86 13.54
C PRO A 274 -8.61 -18.35 13.34
N ASP A 275 -9.51 -18.97 12.58
CA ASP A 275 -9.63 -20.44 12.56
C ASP A 275 -8.31 -21.13 12.28
N ASN A 276 -7.83 -21.03 11.05
CA ASN A 276 -6.67 -21.79 10.67
C ASN A 276 -5.42 -20.94 10.80
N CYS A 277 -5.07 -20.66 12.06
CA CYS A 277 -3.98 -19.77 12.43
C CYS A 277 -3.25 -20.34 13.63
N SER A 278 -1.94 -20.53 13.51
CA SER A 278 -1.12 -21.07 14.61
C SER A 278 -1.07 -20.15 15.81
N GLU A 279 -0.64 -20.69 16.94
CA GLU A 279 -0.46 -19.87 18.12
C GLU A 279 0.66 -18.85 17.89
N GLU A 280 1.70 -19.25 17.16
CA GLU A 280 2.86 -18.36 16.93
C GLU A 280 2.47 -17.16 16.04
N MET A 281 1.75 -17.43 14.97
CA MET A 281 1.31 -16.40 14.07
C MET A 281 0.38 -15.41 14.79
N TYR A 282 -0.50 -15.92 15.65
CA TYR A 282 -1.41 -15.03 16.37
C TYR A 282 -0.67 -14.18 17.40
N ARG A 283 0.38 -14.73 18.01
CA ARG A 283 1.17 -13.93 18.96
C ARG A 283 1.87 -12.78 18.24
N LEU A 284 2.27 -13.02 17.00
CA LEU A 284 2.90 -12.00 16.18
C LEU A 284 1.90 -10.85 15.91
N MET A 285 0.67 -11.20 15.54
CA MET A 285 -0.40 -10.16 15.39
C MET A 285 -0.56 -9.40 16.68
N LEU A 286 -0.64 -10.10 17.83
CA LEU A 286 -0.85 -9.34 19.07
C LEU A 286 0.30 -8.41 19.39
N GLN A 287 1.53 -8.81 19.07
CA GLN A 287 2.67 -7.96 19.37
C GLN A 287 2.58 -6.75 18.45
N CYS A 288 2.12 -6.95 17.21
CA CYS A 288 1.95 -5.77 16.33
C CYS A 288 0.92 -4.79 16.85
N TRP A 289 -0.01 -5.29 17.63
CA TRP A 289 -1.12 -4.46 18.16
C TRP A 289 -0.93 -4.06 19.63
N LYS A 290 0.29 -4.07 20.15
CA LYS A 290 0.46 -3.53 21.51
C LYS A 290 0.07 -2.09 21.59
N GLN A 291 -0.50 -1.65 22.71
CA GLN A 291 -0.89 -0.25 22.81
C GLN A 291 0.33 0.66 22.67
N GLU A 292 1.44 0.30 23.30
CA GLU A 292 2.61 1.17 23.30
C GLU A 292 3.44 0.89 22.05
N PRO A 293 3.62 1.91 21.19
CA PRO A 293 4.26 1.65 19.90
C PRO A 293 5.65 1.08 20.06
N ASP A 294 6.40 1.48 21.12
CA ASP A 294 7.77 1.01 21.28
C ASP A 294 7.82 -0.46 21.68
N LYS A 295 6.70 -1.02 22.08
CA LYS A 295 6.67 -2.44 22.43
C LYS A 295 6.37 -3.32 21.20
N ARG A 296 5.95 -2.73 20.08
CA ARG A 296 5.75 -3.50 18.88
C ARG A 296 7.08 -3.90 18.25
N PRO A 297 7.12 -5.00 17.49
CA PRO A 297 8.34 -5.35 16.75
C PRO A 297 8.66 -4.30 15.71
N VAL A 298 9.90 -4.22 15.25
CA VAL A 298 10.18 -3.46 14.01
C VAL A 298 10.09 -4.42 12.83
N PHE A 299 10.09 -3.92 11.58
CA PHE A 299 9.90 -4.83 10.47
C PHE A 299 11.01 -5.85 10.36
N ALA A 300 12.22 -5.46 10.74
CA ALA A 300 13.29 -6.44 10.74
C ALA A 300 12.95 -7.62 11.68
N ASP A 301 12.42 -7.34 12.87
CA ASP A 301 11.98 -8.43 13.78
C ASP A 301 10.89 -9.27 13.13
N ILE A 302 9.88 -8.60 12.52
CA ILE A 302 8.81 -9.33 11.91
C ILE A 302 9.31 -10.32 10.80
N SER A 303 10.22 -9.87 9.96
CA SER A 303 10.74 -10.73 8.93
C SER A 303 11.43 -11.94 9.59
N LYS A 304 12.15 -11.63 10.63
CA LYS A 304 12.85 -12.75 11.31
C LYS A 304 11.86 -13.78 11.88
N ASP A 305 10.79 -13.32 12.53
CA ASP A 305 9.75 -14.22 13.00
C ASP A 305 9.18 -15.05 11.84
N LEU A 306 8.84 -14.38 10.75
CA LEU A 306 8.24 -15.09 9.61
C LEU A 306 9.20 -16.11 8.96
N GLU A 307 10.48 -15.76 8.84
CA GLU A 307 11.45 -16.72 8.32
C GLU A 307 11.56 -17.96 9.19
N LYS A 308 11.61 -17.73 10.49
CA LYS A 308 11.70 -18.85 11.45
C LYS A 308 10.45 -19.74 11.36
N MET A 309 9.25 -19.13 11.17
CA MET A 309 8.06 -19.99 11.09
C MET A 309 8.16 -20.78 9.83
N MET A 310 8.69 -20.16 8.78
CA MET A 310 8.85 -20.90 7.52
C MET A 310 9.75 -22.14 7.61
N VAL A 311 10.88 -22.04 8.29
CA VAL A 311 11.81 -23.17 8.26
C VAL A 311 11.34 -24.23 9.26
N LYS A 312 10.59 -23.81 10.27
CA LYS A 312 10.12 -24.73 11.31
C LYS A 312 9.07 -25.68 10.74
N ARG A 313 8.37 -25.20 9.74
CA ARG A 313 7.28 -25.92 9.08
C ARG A 313 7.77 -27.06 8.19
N ARG A 314 8.96 -26.92 7.60
CA ARG A 314 9.54 -27.92 6.69
C ARG A 314 9.78 -29.24 7.42
O5' ADN B . -6.40 -0.17 -6.50
C5' ADN B . -7.63 -0.43 -7.16
C4' ADN B . -7.57 -1.78 -7.83
O4' ADN B . -6.92 -1.65 -9.12
C3' ADN B . -6.75 -2.84 -7.10
O3' ADN B . -7.56 -3.56 -6.19
C2' ADN B . -6.29 -3.75 -8.21
O2' ADN B . -7.37 -4.60 -8.56
C1' ADN B . -6.09 -2.77 -9.36
N9 ADN B . -4.71 -2.27 -9.50
C8 ADN B . -4.15 -1.15 -8.93
N7 ADN B . -2.90 -0.95 -9.26
C5 ADN B . -2.64 -2.00 -10.15
C6 ADN B . -1.49 -2.38 -10.84
N6 ADN B . -0.33 -1.70 -10.82
N1 ADN B . -1.53 -3.53 -11.56
C2 ADN B . -2.68 -4.23 -11.59
N3 ADN B . -3.84 -3.95 -11.00
C4 ADN B . -3.75 -2.81 -10.29
C FMT C . -6.58 -7.89 -15.93
O1 FMT C . -7.56 -8.18 -15.23
O2 FMT C . -6.56 -8.08 -17.17
C FMT D . -5.45 -6.24 -12.28
O1 FMT D . -6.04 -5.76 -11.27
O2 FMT D . -5.23 -7.46 -12.55
C FMT E . 9.24 6.11 -29.99
O1 FMT E . 8.27 6.85 -30.22
O2 FMT E . 9.86 5.44 -30.84
C FMT F . -13.68 9.42 -14.89
O1 FMT F . -14.45 10.38 -14.74
O2 FMT F . -13.97 8.27 -15.30
C FMT G . -4.53 24.91 -3.11
O1 FMT G . -4.05 24.27 -2.15
O2 FMT G . -3.80 25.42 -4.00
C FMT H . -5.19 16.61 2.22
O1 FMT H . -4.72 17.66 2.68
O2 FMT H . -4.81 15.48 2.57
C FMT I . -12.76 -15.17 2.21
O1 FMT I . -12.39 -14.73 3.31
O2 FMT I . -12.22 -16.10 1.62
C FMT J . -4.94 11.26 5.05
O1 FMT J . -5.19 10.34 5.82
O2 FMT J . -3.79 11.73 4.88
C FMT K . -0.46 22.59 12.01
O1 FMT K . -0.41 23.68 12.59
O2 FMT K . -1.43 22.13 11.39
C FMT L . -6.07 10.52 11.82
O1 FMT L . -7.30 10.33 11.82
O2 FMT L . -5.46 11.40 11.20
C FMT M . -14.07 7.88 22.61
O1 FMT M . -13.31 7.22 23.34
O2 FMT M . -14.66 7.50 21.56
C FMT N . 9.31 5.49 13.06
O1 FMT N . 8.73 6.42 12.46
O2 FMT N . 9.26 5.07 14.26
C FMT O . 2.38 16.09 -2.96
O1 FMT O . 3.59 16.24 -3.27
O2 FMT O . 1.38 16.68 -3.42
C FMT P . 3.04 -15.84 -13.16
O1 FMT P . 2.74 -16.17 -14.32
O2 FMT P . 2.62 -16.36 -12.13
C FMT Q . 14.42 -8.74 -0.88
O1 FMT Q . 13.22 -8.96 -0.67
O2 FMT Q . 15.35 -9.28 -0.28
C FMT R . 9.03 2.71 -7.66
O1 FMT R . 9.39 1.66 -7.04
O2 FMT R . 9.67 3.41 -8.49
#